data_3U51
#
_entry.id   3U51
#
_cell.length_a   42.166
_cell.length_b   117.250
_cell.length_c   62.762
_cell.angle_alpha   90.000
_cell.angle_beta   90.080
_cell.angle_gamma   90.000
#
_symmetry.space_group_name_H-M   'P 1 21 1'
#
loop_
_entity.id
_entity.type
_entity.pdbx_description
1 polymer 'Proto-oncogene tyrosine-protein kinase Src'
2 polymer 'macrocyclic inhibitor MC1'
3 water water
#
loop_
_entity_poly.entity_id
_entity_poly.type
_entity_poly.pdbx_seq_one_letter_code
_entity_poly.pdbx_strand_id
1 'polypeptide(L)'
;AWEIPRESLRLEVKLGQGCFGEVWMGTWNGTTRVAIKTLKPGTMSPEAFLQEAQVMKKLRHEKLVQLYAVVSEEPIYIVT
EYMSKGSLLDFLKGEMGKYLRLPQLVDMAAQIASGMAYVERMNYVHRDLRAANILVGENLVCKVADFGLARLIEDNEYTA
RQGAKFPIKWTAPEAALYGRFTIKSDVWSFGILLTELTTKGRVPYPGMVNREVLDQVERGYRMPCPPECPESLHDLMCQC
WRKDPEERPTFEYLQAFLEDYFTSTEPQYQPGENL
;
A,B
2 'polypeptide(L)' (FUM)(P4E)(ALC)(08M)(DAB)(NH2) C,D
#
# COMPACT_ATOMS: atom_id res chain seq x y z
N GLU A 3 -32.01 10.84 -20.64
CA GLU A 3 -32.52 10.35 -21.92
C GLU A 3 -32.20 11.31 -23.05
N ILE A 4 -31.92 10.76 -24.23
CA ILE A 4 -31.58 11.57 -25.40
C ILE A 4 -32.20 11.02 -26.67
N PRO A 5 -32.46 11.90 -27.65
CA PRO A 5 -32.98 11.50 -28.96
C PRO A 5 -32.05 10.50 -29.64
N ARG A 6 -32.54 9.28 -29.89
CA ARG A 6 -31.73 8.25 -30.49
C ARG A 6 -31.07 8.72 -31.80
N GLU A 7 -31.68 9.71 -32.43
CA GLU A 7 -31.22 10.21 -33.73
C GLU A 7 -29.85 10.91 -33.64
N SER A 8 -29.55 11.48 -32.48
CA SER A 8 -28.29 12.19 -32.29
C SER A 8 -27.13 11.22 -32.12
N LEU A 9 -27.46 9.93 -32.02
CA LEU A 9 -26.44 8.90 -31.84
C LEU A 9 -26.11 8.21 -33.17
N ARG A 10 -24.84 7.89 -33.33
CA ARG A 10 -24.36 7.18 -34.51
C ARG A 10 -23.45 6.03 -34.09
N LEU A 11 -23.82 4.81 -34.46
CA LEU A 11 -23.00 3.65 -34.14
C LEU A 11 -22.07 3.31 -35.30
N GLU A 12 -20.81 3.69 -35.18
CA GLU A 12 -19.83 3.48 -36.23
C GLU A 12 -19.32 2.04 -36.26
N VAL A 13 -18.46 1.71 -35.31
CA VAL A 13 -17.85 0.39 -35.24
C VAL A 13 -18.44 -0.45 -34.12
N LYS A 14 -18.53 -1.75 -34.35
CA LYS A 14 -18.90 -2.68 -33.29
C LYS A 14 -17.62 -3.11 -32.58
N LEU A 15 -17.61 -3.02 -31.26
CA LEU A 15 -16.41 -3.34 -30.49
C LEU A 15 -16.48 -4.73 -29.87
N GLY A 16 -17.68 -5.27 -29.76
CA GLY A 16 -17.87 -6.62 -29.24
C GLY A 16 -19.33 -6.94 -29.01
N GLN A 17 -19.64 -8.22 -28.84
CA GLN A 17 -21.00 -8.64 -28.55
C GLN A 17 -21.06 -9.60 -27.38
N GLY A 18 -22.04 -9.40 -26.51
CA GLY A 18 -22.22 -10.23 -25.34
C GLY A 18 -23.58 -10.87 -25.28
N CYS A 19 -23.83 -11.63 -24.23
CA CYS A 19 -25.07 -12.38 -24.08
C CYS A 19 -26.31 -11.50 -23.91
N PHE A 20 -26.14 -10.29 -23.39
CA PHE A 20 -27.27 -9.41 -23.16
C PHE A 20 -27.22 -8.12 -23.99
N GLY A 21 -26.44 -8.14 -25.06
CA GLY A 21 -26.37 -6.99 -25.93
C GLY A 21 -25.04 -6.81 -26.62
N GLU A 22 -24.74 -5.58 -27.02
CA GLU A 22 -23.54 -5.29 -27.79
C GLU A 22 -22.92 -3.95 -27.41
N VAL A 23 -21.71 -3.71 -27.89
CA VAL A 23 -21.01 -2.46 -27.62
C VAL A 23 -20.42 -1.86 -28.90
N TRP A 24 -20.67 -0.57 -29.10
CA TRP A 24 -20.30 0.10 -30.34
C TRP A 24 -19.58 1.43 -30.07
N MET A 25 -18.52 1.70 -30.82
CA MET A 25 -17.97 3.05 -30.84
C MET A 25 -18.87 3.89 -31.72
N GLY A 26 -18.88 5.20 -31.50
CA GLY A 26 -19.74 6.07 -32.27
C GLY A 26 -19.62 7.53 -31.89
N THR A 27 -20.62 8.31 -32.30
CA THR A 27 -20.57 9.75 -32.10
C THR A 27 -21.90 10.28 -31.56
N TRP A 28 -21.84 11.45 -30.93
CA TRP A 28 -23.01 12.08 -30.34
C TRP A 28 -22.99 13.56 -30.69
N ASN A 29 -24.06 14.03 -31.31
CA ASN A 29 -24.13 15.42 -31.78
C ASN A 29 -23.07 15.72 -32.83
N GLY A 30 -22.41 14.67 -33.31
CA GLY A 30 -21.38 14.82 -34.31
C GLY A 30 -20.10 15.43 -33.78
N THR A 31 -20.07 15.71 -32.47
CA THR A 31 -18.93 16.38 -31.85
C THR A 31 -18.27 15.55 -30.78
N THR A 32 -18.87 14.42 -30.46
CA THR A 32 -18.45 13.66 -29.28
C THR A 32 -18.33 12.16 -29.52
N ARG A 33 -17.12 11.65 -29.39
CA ARG A 33 -16.87 10.21 -29.47
C ARG A 33 -17.37 9.53 -28.22
N VAL A 34 -18.26 8.56 -28.39
CA VAL A 34 -18.80 7.82 -27.26
C VAL A 34 -18.71 6.33 -27.50
N ALA A 35 -19.12 5.56 -26.50
CA ALA A 35 -19.36 4.14 -26.66
C ALA A 35 -20.83 3.88 -26.38
N ILE A 36 -21.49 3.11 -27.25
CA ILE A 36 -22.90 2.81 -27.07
C ILE A 36 -23.14 1.32 -26.79
N LYS A 37 -23.67 1.04 -25.60
CA LYS A 37 -24.04 -0.32 -25.23
C LYS A 37 -25.51 -0.54 -25.59
N THR A 38 -25.81 -1.70 -26.15
CA THR A 38 -27.17 -2.01 -26.56
C THR A 38 -27.67 -3.24 -25.80
N LEU A 39 -28.85 -3.13 -25.22
CA LEU A 39 -29.48 -4.26 -24.54
C LEU A 39 -30.34 -5.03 -25.53
N LYS A 40 -29.90 -6.24 -25.88
CA LYS A 40 -30.67 -7.07 -26.81
C LYS A 40 -32.00 -7.49 -26.17
N PRO A 41 -33.11 -7.05 -26.77
CA PRO A 41 -34.46 -7.19 -26.22
C PRO A 41 -34.77 -8.59 -25.71
N GLY A 42 -35.61 -8.68 -24.69
CA GLY A 42 -36.04 -9.97 -24.17
C GLY A 42 -35.14 -10.55 -23.10
N THR A 43 -34.01 -9.89 -22.85
CA THR A 43 -33.09 -10.35 -21.81
C THR A 43 -33.43 -9.69 -20.47
N MET A 44 -33.83 -8.43 -20.53
CA MET A 44 -34.16 -7.68 -19.32
C MET A 44 -35.40 -6.85 -19.52
N SER A 45 -36.31 -6.91 -18.55
CA SER A 45 -37.51 -6.07 -18.57
C SER A 45 -37.05 -4.62 -18.58
N PRO A 46 -37.61 -3.82 -19.49
CA PRO A 46 -37.22 -2.41 -19.63
C PRO A 46 -37.32 -1.65 -18.33
N GLU A 47 -38.54 -1.51 -17.81
CA GLU A 47 -38.76 -0.77 -16.57
C GLU A 47 -37.81 -1.22 -15.46
N ALA A 48 -37.48 -2.51 -15.46
CA ALA A 48 -36.57 -3.06 -14.48
C ALA A 48 -35.17 -2.46 -14.63
N PHE A 49 -34.54 -2.76 -15.76
CA PHE A 49 -33.25 -2.19 -16.10
C PHE A 49 -33.29 -0.67 -15.96
N LEU A 50 -34.48 -0.11 -16.20
CA LEU A 50 -34.71 1.33 -16.09
C LEU A 50 -34.27 1.89 -14.75
N GLN A 51 -34.58 1.17 -13.68
CA GLN A 51 -34.35 1.68 -12.33
C GLN A 51 -32.96 1.38 -11.79
N GLU A 52 -32.42 0.22 -12.14
CA GLU A 52 -31.04 -0.09 -11.80
C GLU A 52 -30.15 0.97 -12.43
N ALA A 53 -30.54 1.44 -13.60
CA ALA A 53 -29.77 2.42 -14.36
C ALA A 53 -29.70 3.78 -13.67
N GLN A 54 -30.77 4.17 -13.00
CA GLN A 54 -30.81 5.46 -12.32
C GLN A 54 -29.70 5.53 -11.27
N VAL A 55 -29.30 4.38 -10.76
CA VAL A 55 -28.23 4.28 -9.77
C VAL A 55 -26.86 4.40 -10.44
N MET A 56 -26.81 4.16 -11.75
CA MET A 56 -25.58 4.35 -12.51
C MET A 56 -25.31 5.83 -12.74
N LYS A 57 -26.36 6.64 -12.61
CA LYS A 57 -26.25 8.08 -12.78
C LYS A 57 -25.62 8.73 -11.55
N LYS A 58 -26.05 8.28 -10.38
CA LYS A 58 -25.61 8.86 -9.11
C LYS A 58 -24.10 8.74 -8.88
N LEU A 59 -23.53 7.59 -9.25
CA LEU A 59 -22.10 7.36 -9.02
C LEU A 59 -21.23 8.10 -10.03
N ARG A 60 -20.34 8.94 -9.52
CA ARG A 60 -19.45 9.73 -10.37
C ARG A 60 -18.04 9.77 -9.82
N HIS A 61 -17.14 9.01 -10.43
CA HIS A 61 -15.76 8.94 -9.96
C HIS A 61 -14.81 8.88 -11.15
N GLU A 62 -13.55 9.23 -10.91
CA GLU A 62 -12.54 9.26 -11.95
C GLU A 62 -12.15 7.86 -12.42
N LYS A 63 -12.48 6.86 -11.61
CA LYS A 63 -12.11 5.48 -11.94
C LYS A 63 -13.34 4.61 -12.16
N LEU A 64 -14.46 5.26 -12.44
CA LEU A 64 -15.68 4.57 -12.84
C LEU A 64 -16.09 5.08 -14.22
N VAL A 65 -16.14 4.18 -15.20
CA VAL A 65 -16.57 4.54 -16.54
C VAL A 65 -17.84 5.37 -16.47
N GLN A 66 -17.78 6.60 -16.98
CA GLN A 66 -18.87 7.56 -16.81
C GLN A 66 -20.02 7.39 -17.80
N LEU A 67 -21.23 7.28 -17.26
CA LEU A 67 -22.45 7.24 -18.05
C LEU A 67 -22.76 8.63 -18.58
N TYR A 68 -22.94 8.73 -19.90
CA TYR A 68 -23.19 10.02 -20.53
C TYR A 68 -24.68 10.27 -20.76
N ALA A 69 -25.35 9.29 -21.36
CA ALA A 69 -26.77 9.43 -21.65
C ALA A 69 -27.41 8.06 -21.89
N VAL A 70 -28.73 8.06 -22.09
CA VAL A 70 -29.45 6.80 -22.24
C VAL A 70 -30.66 6.94 -23.17
N VAL A 71 -30.94 5.87 -23.90
CA VAL A 71 -32.13 5.82 -24.73
C VAL A 71 -33.10 4.80 -24.16
N SER A 72 -34.30 5.26 -23.81
CA SER A 72 -35.27 4.45 -23.08
C SER A 72 -36.00 3.44 -23.97
N GLU A 73 -36.06 3.72 -25.26
CA GLU A 73 -36.76 2.83 -26.19
C GLU A 73 -35.93 1.63 -26.61
N GLU A 74 -36.56 0.46 -26.63
CA GLU A 74 -35.89 -0.76 -27.07
C GLU A 74 -35.58 -0.70 -28.55
N PRO A 75 -34.39 -1.16 -28.95
CA PRO A 75 -33.36 -1.66 -28.03
C PRO A 75 -32.72 -0.53 -27.22
N ILE A 76 -32.53 -0.76 -25.93
CA ILE A 76 -32.01 0.26 -25.04
C ILE A 76 -30.56 0.63 -25.36
N TYR A 77 -30.30 1.93 -25.46
CA TYR A 77 -28.95 2.43 -25.67
C TYR A 77 -28.40 3.03 -24.39
N ILE A 78 -27.19 2.61 -24.03
CA ILE A 78 -26.49 3.22 -22.90
C ILE A 78 -25.26 3.95 -23.40
N VAL A 79 -25.33 5.28 -23.42
CA VAL A 79 -24.21 6.08 -23.86
C VAL A 79 -23.25 6.33 -22.71
N THR A 80 -22.01 5.85 -22.85
CA THR A 80 -21.00 6.05 -21.82
C THR A 80 -19.74 6.66 -22.43
N GLU A 81 -18.67 6.69 -21.65
CA GLU A 81 -17.41 7.24 -22.15
C GLU A 81 -16.57 6.16 -22.81
N TYR A 82 -15.88 6.55 -23.88
CA TYR A 82 -15.13 5.60 -24.70
C TYR A 82 -13.75 5.31 -24.12
N MET A 83 -13.48 4.04 -23.89
CA MET A 83 -12.17 3.59 -23.43
C MET A 83 -11.44 2.92 -24.60
N SER A 84 -10.53 3.67 -25.21
CA SER A 84 -9.86 3.25 -26.43
C SER A 84 -9.25 1.83 -26.41
N LYS A 85 -8.64 1.45 -25.29
CA LYS A 85 -7.92 0.18 -25.22
C LYS A 85 -8.80 -1.01 -24.87
N GLY A 86 -10.11 -0.79 -24.81
CA GLY A 86 -11.05 -1.87 -24.56
C GLY A 86 -11.00 -2.40 -23.15
N SER A 87 -11.17 -3.72 -23.00
CA SER A 87 -11.17 -4.32 -21.67
C SER A 87 -9.75 -4.60 -21.21
N LEU A 88 -9.57 -4.73 -19.90
CA LEU A 88 -8.27 -5.02 -19.34
C LEU A 88 -7.83 -6.44 -19.70
N LEU A 89 -8.77 -7.38 -19.71
CA LEU A 89 -8.45 -8.76 -20.05
C LEU A 89 -7.92 -8.85 -21.48
N ASP A 90 -8.60 -8.17 -22.40
CA ASP A 90 -8.14 -8.07 -23.77
C ASP A 90 -6.76 -7.42 -23.82
N PHE A 91 -6.63 -6.32 -23.08
CA PHE A 91 -5.37 -5.58 -23.02
C PHE A 91 -4.22 -6.49 -22.55
N LEU A 92 -4.48 -7.27 -21.50
CA LEU A 92 -3.48 -8.14 -20.92
C LEU A 92 -3.12 -9.31 -21.82
N LYS A 93 -4.14 -9.87 -22.47
CA LYS A 93 -3.98 -11.02 -23.34
C LYS A 93 -3.33 -10.64 -24.66
N GLY A 94 -3.38 -9.35 -24.98
CA GLY A 94 -2.88 -8.85 -26.26
C GLY A 94 -1.41 -8.48 -26.28
N GLU A 95 -1.03 -7.70 -27.28
CA GLU A 95 0.35 -7.27 -27.49
C GLU A 95 1.05 -6.83 -26.21
N MET A 96 0.40 -5.93 -25.48
CA MET A 96 1.04 -5.23 -24.38
C MET A 96 1.40 -6.13 -23.21
N GLY A 97 0.67 -7.24 -23.05
CA GLY A 97 0.92 -8.16 -21.96
C GLY A 97 2.38 -8.52 -21.83
N LYS A 98 3.01 -8.74 -22.97
CA LYS A 98 4.44 -9.05 -23.02
C LYS A 98 5.28 -7.97 -22.33
N TYR A 99 4.87 -6.71 -22.50
CA TYR A 99 5.69 -5.57 -22.08
C TYR A 99 5.39 -5.05 -20.67
N LEU A 100 4.15 -5.23 -20.23
CA LEU A 100 3.75 -4.81 -18.89
C LEU A 100 4.55 -5.51 -17.82
N ARG A 101 5.03 -4.74 -16.86
CA ARG A 101 5.78 -5.28 -15.73
C ARG A 101 5.03 -4.95 -14.45
N LEU A 102 5.57 -5.39 -13.32
CA LEU A 102 4.89 -5.26 -12.04
C LEU A 102 4.43 -3.85 -11.69
N PRO A 103 5.29 -2.84 -11.93
CA PRO A 103 4.87 -1.47 -11.62
C PRO A 103 3.62 -1.02 -12.38
N GLN A 104 3.50 -1.42 -13.64
CA GLN A 104 2.33 -1.06 -14.43
C GLN A 104 1.11 -1.79 -13.94
N LEU A 105 1.30 -3.07 -13.63
CA LEU A 105 0.22 -3.91 -13.13
C LEU A 105 -0.27 -3.43 -11.76
N VAL A 106 0.66 -3.28 -10.83
CA VAL A 106 0.35 -2.78 -9.49
C VAL A 106 -0.26 -1.39 -9.57
N ASP A 107 0.11 -0.64 -10.59
CA ASP A 107 -0.45 0.69 -10.83
C ASP A 107 -1.90 0.59 -11.25
N MET A 108 -2.19 -0.35 -12.15
CA MET A 108 -3.54 -0.54 -12.66
C MET A 108 -4.46 -1.07 -11.57
N ALA A 109 -3.92 -1.92 -10.70
CA ALA A 109 -4.67 -2.49 -9.58
C ALA A 109 -5.09 -1.41 -8.60
N ALA A 110 -4.18 -0.49 -8.31
CA ALA A 110 -4.43 0.60 -7.38
C ALA A 110 -5.58 1.48 -7.86
N GLN A 111 -5.65 1.70 -9.17
CA GLN A 111 -6.68 2.54 -9.77
C GLN A 111 -8.04 1.89 -9.62
N ILE A 112 -8.06 0.57 -9.77
CA ILE A 112 -9.28 -0.20 -9.62
C ILE A 112 -9.69 -0.19 -8.16
N ALA A 113 -8.72 -0.41 -7.28
CA ALA A 113 -8.96 -0.33 -5.85
C ALA A 113 -9.48 1.06 -5.50
N SER A 114 -9.07 2.05 -6.27
CA SER A 114 -9.49 3.43 -6.05
C SER A 114 -10.96 3.62 -6.40
N GLY A 115 -11.35 3.15 -7.58
CA GLY A 115 -12.73 3.22 -8.01
C GLY A 115 -13.63 2.39 -7.12
N MET A 116 -13.10 1.31 -6.58
CA MET A 116 -13.85 0.43 -5.71
C MET A 116 -13.94 0.98 -4.28
N ALA A 117 -12.93 1.74 -3.89
CA ALA A 117 -12.96 2.41 -2.59
C ALA A 117 -14.06 3.47 -2.59
N TYR A 118 -14.31 4.06 -3.76
CA TYR A 118 -15.40 5.02 -3.92
C TYR A 118 -16.76 4.32 -3.85
N VAL A 119 -16.89 3.19 -4.54
CA VAL A 119 -18.09 2.39 -4.46
C VAL A 119 -18.31 1.96 -3.01
N GLU A 120 -17.21 1.63 -2.34
CA GLU A 120 -17.25 1.22 -0.94
C GLU A 120 -17.85 2.31 -0.07
N ARG A 121 -17.40 3.54 -0.28
CA ARG A 121 -17.90 4.69 0.48
C ARG A 121 -19.36 4.94 0.18
N MET A 122 -19.76 4.70 -1.07
CA MET A 122 -21.13 4.98 -1.51
C MET A 122 -22.13 3.93 -1.04
N ASN A 123 -21.70 3.03 -0.17
CA ASN A 123 -22.57 1.97 0.33
C ASN A 123 -23.06 1.07 -0.79
N TYR A 124 -22.33 1.05 -1.91
CA TYR A 124 -22.73 0.23 -3.05
C TYR A 124 -21.87 -1.02 -3.21
N VAL A 125 -22.29 -1.90 -4.10
CA VAL A 125 -21.59 -3.15 -4.34
C VAL A 125 -21.57 -3.43 -5.85
N HIS A 126 -20.49 -4.00 -6.34
CA HIS A 126 -20.34 -4.22 -7.78
C HIS A 126 -20.91 -5.55 -8.25
N ARG A 127 -20.53 -6.62 -7.54
CA ARG A 127 -21.07 -7.96 -7.78
C ARG A 127 -20.29 -8.76 -8.81
N ASP A 128 -19.78 -8.09 -9.83
CA ASP A 128 -19.09 -8.80 -10.90
C ASP A 128 -17.74 -8.16 -11.20
N LEU A 129 -16.84 -8.25 -10.24
CA LEU A 129 -15.51 -7.67 -10.40
C LEU A 129 -14.53 -8.70 -11.00
N ARG A 130 -14.01 -8.37 -12.17
CA ARG A 130 -13.05 -9.22 -12.86
C ARG A 130 -12.44 -8.42 -14.01
N ALA A 131 -11.33 -8.90 -14.56
CA ALA A 131 -10.60 -8.14 -15.57
C ALA A 131 -11.44 -7.82 -16.81
N ALA A 132 -12.46 -8.65 -17.07
CA ALA A 132 -13.35 -8.41 -18.21
C ALA A 132 -14.23 -7.18 -18.03
N ASN A 133 -14.37 -6.71 -16.79
CA ASN A 133 -15.21 -5.55 -16.50
C ASN A 133 -14.41 -4.28 -16.16
N ILE A 134 -13.09 -4.36 -16.31
CA ILE A 134 -12.24 -3.19 -16.21
C ILE A 134 -11.92 -2.71 -17.62
N LEU A 135 -12.19 -1.44 -17.87
CA LEU A 135 -11.88 -0.85 -19.17
C LEU A 135 -10.61 -0.02 -19.09
N VAL A 136 -9.80 -0.09 -20.14
CA VAL A 136 -8.55 0.65 -20.20
C VAL A 136 -8.66 1.77 -21.23
N GLY A 137 -8.08 2.92 -20.90
CA GLY A 137 -8.05 4.06 -21.80
C GLY A 137 -6.63 4.41 -22.16
N GLU A 138 -6.33 5.70 -22.29
CA GLU A 138 -4.97 6.12 -22.63
C GLU A 138 -4.06 6.20 -21.40
N ASN A 139 -2.77 5.96 -21.62
CA ASN A 139 -1.77 6.01 -20.55
C ASN A 139 -2.05 5.08 -19.35
N LEU A 140 -2.62 3.91 -19.64
CA LEU A 140 -2.87 2.90 -18.63
C LEU A 140 -3.98 3.27 -17.64
N VAL A 141 -4.83 4.21 -18.05
CA VAL A 141 -5.99 4.57 -17.25
C VAL A 141 -6.98 3.41 -17.25
N CYS A 142 -7.19 2.81 -16.08
CA CYS A 142 -8.18 1.75 -15.92
C CYS A 142 -9.42 2.27 -15.21
N LYS A 143 -10.58 1.76 -15.59
CA LYS A 143 -11.83 2.17 -14.98
C LYS A 143 -12.79 0.99 -14.82
N VAL A 144 -13.52 0.98 -13.71
CA VAL A 144 -14.49 -0.06 -13.44
C VAL A 144 -15.76 0.21 -14.25
N ALA A 145 -16.26 -0.83 -14.93
CA ALA A 145 -17.46 -0.68 -15.75
C ALA A 145 -18.46 -1.80 -15.48
N ASP A 146 -19.56 -1.78 -16.23
CA ASP A 146 -20.55 -2.87 -16.21
C ASP A 146 -20.84 -3.39 -14.81
N PHE A 147 -21.65 -2.66 -14.05
CA PHE A 147 -22.09 -3.13 -12.74
C PHE A 147 -23.03 -4.32 -12.88
N GLY A 148 -22.77 -5.38 -12.12
CA GLY A 148 -23.57 -6.60 -12.16
C GLY A 148 -25.04 -6.36 -12.42
N PHE A 166 -21.66 -17.90 -15.74
CA PHE A 166 -21.35 -17.26 -14.47
C PHE A 166 -19.88 -17.44 -14.09
N PRO A 167 -19.26 -16.34 -13.62
CA PRO A 167 -17.85 -16.29 -13.22
C PRO A 167 -17.66 -16.82 -11.81
N ILE A 168 -17.85 -18.11 -11.62
CA ILE A 168 -17.74 -18.74 -10.30
C ILE A 168 -16.35 -18.57 -9.69
N LYS A 169 -15.34 -18.53 -10.53
CA LYS A 169 -13.96 -18.49 -10.05
C LYS A 169 -13.59 -17.11 -9.49
N TRP A 170 -14.38 -16.09 -9.86
CA TRP A 170 -14.16 -14.73 -9.38
C TRP A 170 -15.05 -14.40 -8.18
N THR A 171 -15.95 -15.33 -7.85
CA THR A 171 -16.95 -15.08 -6.82
C THR A 171 -16.55 -15.68 -5.47
N ALA A 172 -16.87 -14.97 -4.39
CA ALA A 172 -16.58 -15.45 -3.04
C ALA A 172 -17.56 -16.55 -2.63
N PRO A 173 -17.07 -17.52 -1.84
CA PRO A 173 -17.86 -18.70 -1.44
C PRO A 173 -19.24 -18.35 -0.92
N GLU A 174 -19.31 -17.39 0.01
CA GLU A 174 -20.58 -17.06 0.67
C GLU A 174 -21.56 -16.39 -0.28
N ALA A 175 -21.04 -15.88 -1.40
CA ALA A 175 -21.85 -15.20 -2.40
C ALA A 175 -22.38 -16.19 -3.43
N ALA A 176 -21.51 -17.10 -3.86
CA ALA A 176 -21.88 -18.10 -4.86
C ALA A 176 -22.87 -19.14 -4.32
N LEU A 177 -22.82 -19.37 -3.00
CA LEU A 177 -23.64 -20.40 -2.38
C LEU A 177 -24.88 -19.82 -1.70
N TYR A 178 -24.70 -18.74 -0.94
CA TYR A 178 -25.78 -18.21 -0.12
C TYR A 178 -26.20 -16.80 -0.51
N GLY A 179 -25.77 -16.36 -1.70
CA GLY A 179 -26.19 -15.08 -2.24
C GLY A 179 -25.85 -13.87 -1.39
N ARG A 180 -24.92 -14.04 -0.45
CA ARG A 180 -24.46 -12.93 0.36
C ARG A 180 -23.47 -12.09 -0.43
N PHE A 181 -23.99 -11.16 -1.21
CA PHE A 181 -23.15 -10.24 -1.97
C PHE A 181 -22.89 -8.96 -1.19
N THR A 182 -21.62 -8.72 -0.86
CA THR A 182 -21.24 -7.52 -0.13
C THR A 182 -19.97 -6.90 -0.71
N ILE A 183 -19.66 -5.70 -0.28
CA ILE A 183 -18.44 -5.03 -0.70
C ILE A 183 -17.23 -5.89 -0.35
N LYS A 184 -17.45 -6.87 0.54
CA LYS A 184 -16.39 -7.76 0.98
C LYS A 184 -16.31 -8.99 0.09
N SER A 185 -17.34 -9.19 -0.72
CA SER A 185 -17.29 -10.23 -1.74
C SER A 185 -16.62 -9.67 -3.00
N ASP A 186 -16.65 -8.35 -3.14
CA ASP A 186 -15.90 -7.67 -4.20
C ASP A 186 -14.41 -7.67 -3.87
N VAL A 187 -14.10 -7.66 -2.58
CA VAL A 187 -12.71 -7.72 -2.15
C VAL A 187 -12.12 -9.06 -2.52
N TRP A 188 -12.92 -10.12 -2.39
CA TRP A 188 -12.52 -11.45 -2.82
C TRP A 188 -12.27 -11.47 -4.33
N SER A 189 -13.17 -10.82 -5.08
CA SER A 189 -13.08 -10.76 -6.53
C SER A 189 -11.84 -9.97 -6.96
N PHE A 190 -11.51 -8.98 -6.15
CA PHE A 190 -10.35 -8.15 -6.41
C PHE A 190 -9.08 -8.97 -6.28
N GLY A 191 -8.98 -9.74 -5.20
CA GLY A 191 -7.84 -10.61 -5.00
C GLY A 191 -7.63 -11.54 -6.18
N ILE A 192 -8.73 -11.98 -6.78
CA ILE A 192 -8.67 -12.82 -7.97
C ILE A 192 -8.17 -12.00 -9.15
N LEU A 193 -8.73 -10.80 -9.29
CA LEU A 193 -8.30 -9.87 -10.34
C LEU A 193 -6.79 -9.69 -10.27
N LEU A 194 -6.25 -9.66 -9.07
CA LEU A 194 -4.82 -9.49 -8.85
C LEU A 194 -4.00 -10.59 -9.49
N THR A 195 -4.56 -11.79 -9.53
CA THR A 195 -3.86 -12.91 -10.15
C THR A 195 -3.92 -12.81 -11.67
N GLU A 196 -5.01 -12.24 -12.20
CA GLU A 196 -5.12 -12.04 -13.64
C GLU A 196 -4.07 -11.05 -14.10
N LEU A 197 -3.76 -10.08 -13.25
CA LEU A 197 -2.74 -9.09 -13.56
C LEU A 197 -1.35 -9.70 -13.49
N THR A 198 -1.05 -10.41 -12.41
CA THR A 198 0.26 -11.03 -12.25
C THR A 198 0.50 -12.16 -13.24
N THR A 199 -0.57 -12.67 -13.84
CA THR A 199 -0.45 -13.75 -14.82
C THR A 199 -0.62 -13.25 -16.25
N LYS A 200 -1.03 -11.99 -16.38
CA LYS A 200 -1.17 -11.34 -17.69
C LYS A 200 -2.39 -11.81 -18.47
N GLY A 201 -3.48 -12.08 -17.78
CA GLY A 201 -4.73 -12.42 -18.43
C GLY A 201 -5.17 -13.87 -18.32
N ARG A 202 -4.31 -14.69 -17.72
CA ARG A 202 -4.62 -16.10 -17.58
C ARG A 202 -5.86 -16.32 -16.72
N VAL A 203 -6.54 -17.44 -16.96
CA VAL A 203 -7.75 -17.78 -16.23
C VAL A 203 -7.42 -18.31 -14.85
N PRO A 204 -8.20 -17.89 -13.84
CA PRO A 204 -8.01 -18.30 -12.45
C PRO A 204 -8.15 -19.81 -12.29
N TYR A 205 -7.44 -20.38 -11.32
CA TYR A 205 -7.56 -21.80 -11.03
C TYR A 205 -7.37 -22.62 -12.29
N PRO A 206 -6.22 -22.46 -12.95
CA PRO A 206 -5.93 -23.16 -14.22
C PRO A 206 -6.03 -24.69 -14.07
N GLY A 207 -6.83 -25.31 -14.92
CA GLY A 207 -6.99 -26.75 -14.92
C GLY A 207 -8.19 -27.24 -14.14
N MET A 208 -8.89 -26.30 -13.49
CA MET A 208 -10.04 -26.62 -12.67
C MET A 208 -11.33 -26.07 -13.25
N VAL A 209 -12.35 -26.90 -13.33
CA VAL A 209 -13.67 -26.45 -13.77
C VAL A 209 -14.43 -25.92 -12.57
N ASN A 210 -15.41 -25.07 -12.82
CA ASN A 210 -16.13 -24.38 -11.74
C ASN A 210 -16.44 -25.24 -10.52
N ARG A 211 -17.04 -26.40 -10.75
CA ARG A 211 -17.42 -27.28 -9.65
C ARG A 211 -16.20 -27.73 -8.86
N GLU A 212 -15.12 -28.05 -9.57
CA GLU A 212 -13.88 -28.44 -8.93
C GLU A 212 -13.32 -27.26 -8.12
N VAL A 213 -13.48 -26.05 -8.64
CA VAL A 213 -13.07 -24.84 -7.96
C VAL A 213 -13.90 -24.63 -6.70
N LEU A 214 -15.21 -24.64 -6.88
CA LEU A 214 -16.15 -24.46 -5.78
C LEU A 214 -15.84 -25.40 -4.61
N ASP A 215 -15.57 -26.67 -4.93
CA ASP A 215 -15.32 -27.68 -3.90
C ASP A 215 -13.97 -27.52 -3.21
N GLN A 216 -12.95 -27.15 -3.98
CA GLN A 216 -11.59 -27.00 -3.46
C GLN A 216 -11.47 -25.79 -2.54
N VAL A 217 -12.05 -24.67 -2.97
CA VAL A 217 -12.02 -23.45 -2.19
C VAL A 217 -12.75 -23.64 -0.85
N GLU A 218 -13.82 -24.42 -0.86
CA GLU A 218 -14.56 -24.72 0.37
C GLU A 218 -13.69 -25.46 1.38
N ARG A 219 -12.78 -26.30 0.88
CA ARG A 219 -11.93 -27.10 1.74
C ARG A 219 -10.65 -26.34 2.15
N GLY A 220 -10.55 -25.08 1.74
CA GLY A 220 -9.46 -24.23 2.18
C GLY A 220 -8.41 -23.94 1.12
N TYR A 221 -8.59 -24.53 -0.05
CA TYR A 221 -7.66 -24.31 -1.15
C TYR A 221 -7.67 -22.86 -1.61
N ARG A 222 -6.49 -22.31 -1.81
CA ARG A 222 -6.33 -21.00 -2.42
C ARG A 222 -5.24 -21.10 -3.47
N MET A 223 -5.31 -20.25 -4.50
CA MET A 223 -4.27 -20.18 -5.51
C MET A 223 -2.94 -19.80 -4.88
N PRO A 224 -1.87 -20.46 -5.32
CA PRO A 224 -0.51 -20.20 -4.82
C PRO A 224 0.11 -18.97 -5.49
N CYS A 225 1.38 -18.73 -5.22
CA CYS A 225 2.06 -17.56 -5.74
C CYS A 225 2.39 -17.72 -7.21
N PRO A 226 1.77 -16.89 -8.06
CA PRO A 226 2.08 -16.92 -9.50
C PRO A 226 3.58 -16.80 -9.71
N PRO A 227 4.08 -17.34 -10.82
CA PRO A 227 5.51 -17.25 -11.11
C PRO A 227 5.98 -15.80 -11.15
N GLU A 228 7.17 -15.54 -10.61
CA GLU A 228 7.75 -14.21 -10.63
C GLU A 228 6.96 -13.18 -9.81
N CYS A 229 5.92 -13.64 -9.12
CA CYS A 229 5.15 -12.77 -8.23
C CYS A 229 5.76 -12.77 -6.83
N PRO A 230 5.86 -11.57 -6.21
CA PRO A 230 6.43 -11.44 -4.87
C PRO A 230 5.45 -11.92 -3.80
N GLU A 231 5.96 -12.55 -2.74
CA GLU A 231 5.12 -13.06 -1.67
C GLU A 231 4.29 -11.96 -1.01
N SER A 232 4.86 -10.76 -0.92
CA SER A 232 4.15 -9.63 -0.32
C SER A 232 2.85 -9.33 -1.08
N LEU A 233 2.89 -9.54 -2.39
CA LEU A 233 1.72 -9.27 -3.22
C LEU A 233 0.73 -10.43 -3.16
N HIS A 234 1.26 -11.64 -3.06
CA HIS A 234 0.42 -12.83 -2.91
C HIS A 234 -0.27 -12.85 -1.55
N ASP A 235 0.40 -12.33 -0.53
CA ASP A 235 -0.17 -12.26 0.80
C ASP A 235 -1.40 -11.36 0.82
N LEU A 236 -1.38 -10.31 0.01
CA LEU A 236 -2.52 -9.39 -0.06
C LEU A 236 -3.70 -10.08 -0.72
N MET A 237 -3.40 -10.97 -1.67
CA MET A 237 -4.42 -11.75 -2.33
C MET A 237 -5.13 -12.63 -1.31
N CYS A 238 -4.34 -13.36 -0.53
CA CYS A 238 -4.86 -14.27 0.49
C CYS A 238 -5.68 -13.55 1.56
N GLN A 239 -5.39 -12.26 1.78
CA GLN A 239 -6.17 -11.46 2.70
C GLN A 239 -7.53 -11.14 2.09
N CYS A 240 -7.55 -10.97 0.77
CA CYS A 240 -8.80 -10.80 0.03
C CYS A 240 -9.53 -12.13 -0.07
N TRP A 241 -8.85 -13.21 0.25
CA TRP A 241 -9.40 -14.56 0.13
C TRP A 241 -9.65 -15.22 1.49
N ARG A 242 -9.89 -14.41 2.51
CA ARG A 242 -10.19 -14.95 3.83
C ARG A 242 -11.62 -15.47 3.86
N LYS A 243 -11.82 -16.59 4.55
CA LYS A 243 -13.13 -17.21 4.62
C LYS A 243 -14.15 -16.24 5.21
N ASP A 244 -13.72 -15.52 6.25
CA ASP A 244 -14.59 -14.59 6.96
C ASP A 244 -14.59 -13.22 6.30
N PRO A 245 -15.71 -12.84 5.68
CA PRO A 245 -15.90 -11.59 4.95
C PRO A 245 -15.38 -10.35 5.68
N GLU A 246 -15.83 -10.13 6.91
CA GLU A 246 -15.49 -8.92 7.65
C GLU A 246 -14.00 -8.86 8.02
N GLU A 247 -13.27 -9.92 7.68
CA GLU A 247 -11.83 -9.99 7.94
C GLU A 247 -11.00 -9.69 6.69
N ARG A 248 -11.69 -9.50 5.56
CA ARG A 248 -11.01 -9.06 4.35
C ARG A 248 -10.86 -7.54 4.44
N PRO A 249 -9.72 -7.02 3.95
CA PRO A 249 -9.43 -5.58 4.05
C PRO A 249 -10.40 -4.75 3.22
N THR A 250 -10.48 -3.45 3.50
CA THR A 250 -11.33 -2.56 2.73
C THR A 250 -10.60 -2.12 1.46
N PHE A 251 -11.32 -1.53 0.52
CA PHE A 251 -10.70 -1.04 -0.71
C PHE A 251 -9.87 0.20 -0.45
N GLU A 252 -10.20 0.90 0.63
CA GLU A 252 -9.40 2.03 1.06
C GLU A 252 -8.02 1.54 1.47
N TYR A 253 -7.98 0.39 2.14
CA TYR A 253 -6.72 -0.21 2.56
C TYR A 253 -5.93 -0.72 1.37
N LEU A 254 -6.62 -1.40 0.46
CA LEU A 254 -5.95 -1.98 -0.71
C LEU A 254 -5.41 -0.88 -1.62
N GLN A 255 -6.19 0.19 -1.76
CA GLN A 255 -5.77 1.33 -2.57
C GLN A 255 -4.44 1.87 -2.07
N ALA A 256 -4.37 2.17 -0.77
CA ALA A 256 -3.18 2.72 -0.16
C ALA A 256 -1.99 1.77 -0.22
N PHE A 257 -2.24 0.51 0.09
CA PHE A 257 -1.18 -0.50 0.07
C PHE A 257 -0.52 -0.58 -1.29
N LEU A 258 -1.34 -0.62 -2.33
CA LEU A 258 -0.85 -0.75 -3.69
C LEU A 258 -0.11 0.50 -4.16
N GLU A 259 -0.62 1.67 -3.80
CA GLU A 259 0.03 2.92 -4.15
C GLU A 259 1.43 3.03 -3.55
N ASP A 260 1.59 2.53 -2.32
CA ASP A 260 2.87 2.63 -1.62
C ASP A 260 3.78 1.42 -1.87
N TYR A 261 3.29 0.47 -2.66
CA TYR A 261 3.92 -0.84 -2.79
C TYR A 261 5.45 -0.80 -2.89
N PHE A 262 5.98 -0.15 -3.91
CA PHE A 262 7.41 -0.25 -4.20
C PHE A 262 8.29 0.63 -3.31
N THR A 263 7.67 1.39 -2.41
CA THR A 263 8.41 2.19 -1.45
C THR A 263 8.37 1.53 -0.08
N SER A 264 7.17 1.20 0.37
CA SER A 264 6.94 0.64 1.70
C SER A 264 7.14 -0.87 1.75
N THR A 265 6.73 -1.57 0.69
CA THR A 265 6.66 -3.03 0.71
C THR A 265 7.76 -3.73 -0.08
N GLU A 266 7.97 -3.30 -1.32
CA GLU A 266 8.96 -3.92 -2.19
C GLU A 266 9.90 -2.89 -2.81
N PRO A 267 10.71 -2.23 -1.98
CA PRO A 267 11.66 -1.22 -2.43
C PRO A 267 12.86 -1.87 -3.13
N GLN A 268 13.11 -3.14 -2.82
CA GLN A 268 14.23 -3.86 -3.41
C GLN A 268 13.80 -4.56 -4.70
N TYR A 269 12.63 -4.18 -5.22
CA TYR A 269 12.09 -4.82 -6.42
C TYR A 269 12.98 -4.64 -7.64
N GLN A 270 13.20 -5.73 -8.36
CA GLN A 270 13.95 -5.69 -9.61
C GLN A 270 13.16 -6.40 -10.72
N PRO A 271 13.10 -5.76 -11.90
CA PRO A 271 12.36 -6.30 -13.05
C PRO A 271 12.93 -7.65 -13.50
N GLY A 272 12.04 -8.57 -13.87
CA GLY A 272 12.45 -9.88 -14.32
C GLY A 272 12.12 -10.11 -15.78
N GLU A 273 11.91 -11.37 -16.16
CA GLU A 273 11.58 -11.69 -17.54
C GLU A 273 10.15 -11.30 -17.91
N ASN A 274 9.22 -11.46 -16.97
CA ASN A 274 7.82 -11.15 -17.23
C ASN A 274 7.25 -10.11 -16.27
N LEU A 275 7.64 -10.19 -15.00
CA LEU A 275 7.17 -9.25 -14.00
C LEU A 275 8.28 -8.30 -13.57
N GLU B 3 31.99 -10.65 21.21
CA GLU B 3 31.99 -11.80 20.32
C GLU B 3 31.56 -13.08 21.04
N ILE B 4 30.86 -13.95 20.32
CA ILE B 4 30.38 -15.21 20.90
C ILE B 4 30.49 -16.37 19.92
N PRO B 5 30.62 -17.59 20.45
CA PRO B 5 30.66 -18.81 19.62
C PRO B 5 29.40 -18.94 18.79
N ARG B 6 29.54 -18.91 17.48
CA ARG B 6 28.39 -18.99 16.58
C ARG B 6 27.52 -20.21 16.88
N GLU B 7 28.11 -21.22 17.49
CA GLU B 7 27.41 -22.47 17.77
C GLU B 7 26.30 -22.31 18.82
N SER B 8 26.45 -21.34 19.71
CA SER B 8 25.47 -21.09 20.75
C SER B 8 24.23 -20.38 20.20
N LEU B 9 24.31 -19.98 18.94
CA LEU B 9 23.20 -19.29 18.28
C LEU B 9 22.37 -20.25 17.42
N ARG B 10 21.06 -20.03 17.41
CA ARG B 10 20.14 -20.81 16.61
C ARG B 10 19.18 -19.89 15.88
N LEU B 11 19.18 -19.95 14.56
CA LEU B 11 18.27 -19.13 13.76
C LEU B 11 17.00 -19.90 13.41
N GLU B 12 15.93 -19.62 14.15
CA GLU B 12 14.67 -20.33 13.97
C GLU B 12 13.89 -19.82 12.76
N VAL B 13 13.29 -18.65 12.90
CA VAL B 13 12.47 -18.07 11.84
C VAL B 13 13.18 -16.90 11.17
N LYS B 14 12.95 -16.76 9.87
CA LYS B 14 13.40 -15.57 9.16
C LYS B 14 12.32 -14.50 9.26
N LEU B 15 12.70 -13.30 9.66
CA LEU B 15 11.72 -12.23 9.86
C LEU B 15 11.69 -11.26 8.68
N GLY B 16 12.74 -11.26 7.88
CA GLY B 16 12.79 -10.42 6.69
C GLY B 16 14.17 -10.43 6.05
N GLN B 17 14.25 -9.96 4.81
CA GLN B 17 15.53 -9.87 4.12
C GLN B 17 15.72 -8.51 3.48
N GLY B 18 16.93 -7.97 3.61
CA GLY B 18 17.27 -6.67 3.07
C GLY B 18 18.44 -6.73 2.11
N CYS B 19 18.82 -5.57 1.59
CA CYS B 19 19.87 -5.48 0.58
C CYS B 19 21.25 -5.85 1.09
N PHE B 20 21.49 -5.69 2.39
CA PHE B 20 22.79 -5.98 2.98
C PHE B 20 22.76 -7.12 4.01
N GLY B 21 21.72 -7.94 3.96
CA GLY B 21 21.63 -9.08 4.83
C GLY B 21 20.23 -9.49 5.19
N GLU B 22 20.08 -10.16 6.34
CA GLU B 22 18.79 -10.70 6.75
C GLU B 22 18.60 -10.60 8.25
N VAL B 23 17.37 -10.86 8.70
CA VAL B 23 17.03 -10.82 10.12
C VAL B 23 16.24 -12.07 10.52
N TRP B 24 16.67 -12.70 11.62
CA TRP B 24 16.10 -13.97 12.06
C TRP B 24 15.78 -13.95 13.55
N MET B 25 14.62 -14.50 13.92
CA MET B 25 14.37 -14.78 15.32
C MET B 25 15.13 -16.05 15.67
N GLY B 26 15.47 -16.24 16.93
CA GLY B 26 16.23 -17.40 17.34
C GLY B 26 16.50 -17.45 18.81
N THR B 27 17.49 -18.27 19.18
CA THR B 27 17.80 -18.50 20.59
C THR B 27 19.29 -18.45 20.86
N TRP B 28 19.65 -18.20 22.10
CA TRP B 28 21.03 -18.09 22.53
C TRP B 28 21.21 -18.84 23.83
N ASN B 29 22.14 -19.81 23.85
CA ASN B 29 22.35 -20.65 25.00
C ASN B 29 21.11 -21.49 25.33
N GLY B 30 20.15 -21.49 24.42
CA GLY B 30 18.92 -22.24 24.59
C GLY B 30 17.99 -21.64 25.63
N THR B 31 18.39 -20.51 26.20
CA THR B 31 17.63 -19.89 27.28
C THR B 31 17.12 -18.50 26.92
N THR B 32 17.58 -17.99 25.79
CA THR B 32 17.36 -16.58 25.48
C THR B 32 16.89 -16.34 24.05
N ARG B 33 15.68 -15.80 23.93
CA ARG B 33 15.15 -15.40 22.64
C ARG B 33 15.84 -14.13 22.16
N VAL B 34 16.43 -14.20 20.97
CA VAL B 34 17.11 -13.05 20.39
C VAL B 34 16.65 -12.81 18.98
N ALA B 35 17.17 -11.74 18.38
CA ALA B 35 17.06 -11.52 16.95
C ALA B 35 18.48 -11.51 16.37
N ILE B 36 18.69 -12.22 15.28
CA ILE B 36 20.01 -12.28 14.66
C ILE B 36 20.02 -11.64 13.28
N LYS B 37 20.79 -10.56 13.14
CA LYS B 37 20.98 -9.90 11.86
C LYS B 37 22.22 -10.48 11.17
N THR B 38 22.10 -10.72 9.87
CA THR B 38 23.20 -11.31 9.12
C THR B 38 23.64 -10.36 8.02
N LEU B 39 24.94 -10.10 7.94
CA LEU B 39 25.50 -9.27 6.88
C LEU B 39 25.87 -10.15 5.69
N LYS B 40 25.12 -10.02 4.60
CA LYS B 40 25.41 -10.81 3.40
C LYS B 40 26.75 -10.38 2.79
N PRO B 41 27.71 -11.31 2.77
CA PRO B 41 29.11 -11.06 2.41
C PRO B 41 29.26 -10.23 1.14
N GLY B 42 30.31 -9.43 1.07
CA GLY B 42 30.61 -8.67 -0.13
C GLY B 42 29.96 -7.30 -0.18
N THR B 43 29.09 -7.01 0.79
CA THR B 43 28.44 -5.71 0.85
C THR B 43 29.26 -4.74 1.69
N MET B 44 29.88 -5.25 2.74
CA MET B 44 30.67 -4.42 3.63
C MET B 44 31.96 -5.12 4.03
N SER B 45 33.07 -4.40 3.95
CA SER B 45 34.35 -4.92 4.42
C SER B 45 34.21 -5.27 5.90
N PRO B 46 34.64 -6.47 6.29
CA PRO B 46 34.50 -6.94 7.67
C PRO B 46 35.13 -5.97 8.67
N GLU B 47 36.44 -5.80 8.58
CA GLU B 47 37.15 -4.91 9.50
C GLU B 47 36.49 -3.54 9.60
N ALA B 48 35.91 -3.09 8.49
CA ALA B 48 35.23 -1.80 8.45
C ALA B 48 34.00 -1.83 9.35
N PHE B 49 33.02 -2.65 8.98
CA PHE B 49 31.83 -2.85 9.78
C PHE B 49 32.21 -3.18 11.22
N LEU B 50 33.36 -3.83 11.38
CA LEU B 50 33.88 -4.21 12.68
C LEU B 50 33.99 -3.03 13.63
N GLN B 51 34.43 -1.89 13.12
CA GLN B 51 34.70 -0.74 13.98
C GLN B 51 33.49 0.16 14.19
N GLU B 52 32.65 0.29 13.18
CA GLU B 52 31.39 1.00 13.34
C GLU B 52 30.57 0.31 14.41
N ALA B 53 30.72 -1.01 14.48
CA ALA B 53 29.97 -1.84 15.42
C ALA B 53 30.37 -1.59 16.87
N GLN B 54 31.65 -1.31 17.11
CA GLN B 54 32.13 -1.06 18.46
C GLN B 54 31.41 0.14 19.07
N VAL B 55 30.95 1.04 18.21
CA VAL B 55 30.20 2.21 18.65
C VAL B 55 28.75 1.85 18.98
N MET B 56 28.28 0.72 18.46
CA MET B 56 26.95 0.22 18.78
C MET B 56 26.92 -0.37 20.19
N LYS B 57 28.11 -0.72 20.70
CA LYS B 57 28.24 -1.28 22.04
C LYS B 57 28.13 -0.19 23.09
N LYS B 58 28.78 0.94 22.83
CA LYS B 58 28.84 2.04 23.78
C LYS B 58 27.46 2.62 24.13
N LEU B 59 26.59 2.75 23.13
CA LEU B 59 25.27 3.34 23.34
C LEU B 59 24.31 2.37 24.03
N ARG B 60 23.78 2.78 25.18
CA ARG B 60 22.87 1.95 25.96
C ARG B 60 21.72 2.76 26.51
N HIS B 61 20.54 2.63 25.90
CA HIS B 61 19.37 3.38 26.32
C HIS B 61 18.13 2.49 26.25
N GLU B 62 17.09 2.89 26.96
CA GLU B 62 15.85 2.13 27.01
C GLU B 62 15.08 2.19 25.71
N LYS B 63 15.41 3.17 24.86
CA LYS B 63 14.69 3.35 23.60
C LYS B 63 15.61 3.12 22.40
N LEU B 64 16.71 2.42 22.64
CA LEU B 64 17.60 1.99 21.56
C LEU B 64 17.71 0.48 21.61
N VAL B 65 17.30 -0.18 20.54
CA VAL B 65 17.39 -1.63 20.45
C VAL B 65 18.78 -2.08 20.89
N GLN B 66 18.81 -2.91 21.94
CA GLN B 66 20.08 -3.27 22.58
C GLN B 66 20.84 -4.39 21.89
N LEU B 67 22.11 -4.12 21.58
CA LEU B 67 23.02 -5.10 21.04
C LEU B 67 23.43 -6.08 22.12
N TYR B 68 23.25 -7.37 21.87
CA TYR B 68 23.57 -8.39 22.85
C TYR B 68 24.94 -9.01 22.62
N ALA B 69 25.22 -9.42 21.40
CA ALA B 69 26.49 -10.05 21.07
C ALA B 69 26.76 -10.00 19.56
N VAL B 70 27.94 -10.47 19.16
CA VAL B 70 28.32 -10.39 17.76
C VAL B 70 29.22 -11.56 17.35
N VAL B 71 29.06 -12.00 16.10
CA VAL B 71 29.93 -13.01 15.53
C VAL B 71 30.81 -12.37 14.46
N SER B 72 32.12 -12.46 14.65
CA SER B 72 33.07 -11.75 13.80
C SER B 72 33.31 -12.43 12.45
N GLU B 73 33.05 -13.74 12.39
CA GLU B 73 33.27 -14.49 11.16
C GLU B 73 32.13 -14.34 10.16
N GLU B 74 32.48 -14.15 8.89
CA GLU B 74 31.48 -14.05 7.83
C GLU B 74 30.79 -15.39 7.62
N PRO B 75 29.46 -15.36 7.42
CA PRO B 75 28.66 -14.13 7.44
C PRO B 75 28.52 -13.57 8.86
N ILE B 76 28.65 -12.26 9.00
CA ILE B 76 28.63 -11.62 10.31
C ILE B 76 27.25 -11.71 10.96
N TYR B 77 27.23 -12.14 12.22
CA TYR B 77 26.01 -12.18 13.00
C TYR B 77 25.97 -11.05 14.01
N ILE B 78 24.85 -10.33 14.04
CA ILE B 78 24.65 -9.30 15.05
C ILE B 78 23.49 -9.72 15.94
N VAL B 79 23.82 -10.14 17.16
CA VAL B 79 22.80 -10.55 18.12
C VAL B 79 22.27 -9.33 18.88
N THR B 80 20.98 -9.06 18.73
CA THR B 80 20.36 -7.94 19.43
C THR B 80 19.13 -8.42 20.18
N GLU B 81 18.35 -7.47 20.70
CA GLU B 81 17.14 -7.82 21.43
C GLU B 81 15.94 -7.94 20.49
N TYR B 82 15.07 -8.89 20.78
CA TYR B 82 13.95 -9.21 19.90
C TYR B 82 12.75 -8.29 20.15
N MET B 83 12.32 -7.64 19.08
CA MET B 83 11.12 -6.80 19.12
C MET B 83 9.98 -7.52 18.42
N SER B 84 9.10 -8.11 19.22
CA SER B 84 8.04 -8.98 18.72
C SER B 84 7.19 -8.41 17.57
N LYS B 85 6.86 -7.12 17.63
CA LYS B 85 5.95 -6.53 16.66
C LYS B 85 6.64 -6.04 15.39
N GLY B 86 7.92 -6.34 15.26
CA GLY B 86 8.66 -5.99 14.05
C GLY B 86 8.92 -4.51 13.90
N SER B 87 8.86 -4.01 12.67
CA SER B 87 9.11 -2.60 12.42
C SER B 87 7.86 -1.78 12.64
N LEU B 88 8.04 -0.49 12.88
CA LEU B 88 6.91 0.41 13.09
C LEU B 88 6.11 0.59 11.80
N LEU B 89 6.80 0.65 10.67
CA LEU B 89 6.13 0.81 9.37
C LEU B 89 5.21 -0.38 9.11
N ASP B 90 5.73 -1.57 9.35
CA ASP B 90 4.92 -2.79 9.24
C ASP B 90 3.75 -2.73 10.21
N PHE B 91 4.06 -2.33 11.45
CA PHE B 91 3.04 -2.22 12.48
C PHE B 91 1.92 -1.26 12.06
N LEU B 92 2.30 -0.11 11.52
CA LEU B 92 1.34 0.90 11.10
C LEU B 92 0.52 0.48 9.89
N LYS B 93 1.19 -0.16 8.93
CA LYS B 93 0.55 -0.60 7.69
C LYS B 93 -0.35 -1.82 7.92
N GLY B 94 -0.14 -2.50 9.03
CA GLY B 94 -0.86 -3.72 9.34
C GLY B 94 -2.18 -3.53 10.06
N GLU B 95 -2.66 -4.61 10.67
CA GLU B 95 -3.93 -4.63 11.40
C GLU B 95 -4.14 -3.42 12.29
N MET B 96 -3.15 -3.15 13.13
CA MET B 96 -3.29 -2.19 14.22
C MET B 96 -3.47 -0.75 13.75
N GLY B 97 -2.97 -0.45 12.56
CA GLY B 97 -3.07 0.90 12.02
C GLY B 97 -4.49 1.45 12.10
N LYS B 98 -5.44 0.59 11.81
CA LYS B 98 -6.85 0.95 11.89
C LYS B 98 -7.23 1.44 13.29
N TYR B 99 -6.65 0.82 14.31
CA TYR B 99 -7.06 1.06 15.69
C TYR B 99 -6.27 2.14 16.42
N LEU B 100 -5.03 2.34 16.02
CA LEU B 100 -4.20 3.38 16.63
C LEU B 100 -4.80 4.75 16.43
N ARG B 101 -4.82 5.52 17.51
CA ARG B 101 -5.30 6.89 17.47
C ARG B 101 -4.18 7.83 17.88
N LEU B 102 -4.46 9.13 17.89
CA LEU B 102 -3.42 10.13 18.11
C LEU B 102 -2.61 9.94 19.40
N PRO B 103 -3.28 9.61 20.51
CA PRO B 103 -2.52 9.40 21.75
C PRO B 103 -1.48 8.29 21.65
N GLN B 104 -1.80 7.20 20.97
CA GLN B 104 -0.86 6.10 20.80
C GLN B 104 0.29 6.53 19.90
N LEU B 105 -0.06 7.23 18.83
CA LEU B 105 0.92 7.70 17.86
C LEU B 105 1.87 8.73 18.50
N VAL B 106 1.28 9.76 19.11
CA VAL B 106 2.06 10.78 19.80
C VAL B 106 2.90 10.17 20.92
N ASP B 107 2.40 9.08 21.48
CA ASP B 107 3.11 8.34 22.51
C ASP B 107 4.35 7.66 21.93
N MET B 108 4.17 7.03 20.77
CA MET B 108 5.26 6.33 20.11
C MET B 108 6.32 7.30 19.61
N ALA B 109 5.88 8.47 19.18
CA ALA B 109 6.80 9.51 18.70
C ALA B 109 7.69 10.02 19.83
N ALA B 110 7.10 10.21 21.00
CA ALA B 110 7.82 10.70 22.17
C ALA B 110 8.93 9.75 22.58
N GLN B 111 8.66 8.45 22.46
CA GLN B 111 9.63 7.43 22.82
C GLN B 111 10.82 7.45 21.88
N ILE B 112 10.53 7.70 20.61
CA ILE B 112 11.57 7.81 19.60
C ILE B 112 12.37 9.08 19.84
N ALA B 113 11.66 10.16 20.10
CA ALA B 113 12.31 11.42 20.44
C ALA B 113 13.18 11.21 21.68
N SER B 114 12.76 10.30 22.54
CA SER B 114 13.50 10.01 23.76
C SER B 114 14.82 9.30 23.46
N GLY B 115 14.76 8.26 22.64
CA GLY B 115 15.94 7.55 22.25
C GLY B 115 16.87 8.41 21.42
N MET B 116 16.30 9.36 20.69
CA MET B 116 17.10 10.25 19.87
C MET B 116 17.69 11.40 20.69
N ALA B 117 17.00 11.77 21.77
CA ALA B 117 17.52 12.76 22.69
C ALA B 117 18.77 12.22 23.39
N TYR B 118 18.79 10.91 23.59
CA TYR B 118 19.97 10.24 24.16
C TYR B 118 21.12 10.21 23.15
N VAL B 119 20.81 9.88 21.91
CA VAL B 119 21.82 9.92 20.85
C VAL B 119 22.33 11.35 20.72
N GLU B 120 21.43 12.31 20.87
CA GLU B 120 21.77 13.72 20.80
C GLU B 120 22.81 14.08 21.86
N ARG B 121 22.56 13.62 23.09
CA ARG B 121 23.48 13.87 24.20
C ARG B 121 24.83 13.20 23.98
N MET B 122 24.80 12.03 23.35
CA MET B 122 26.01 11.24 23.15
C MET B 122 26.87 11.77 22.01
N ASN B 123 26.54 12.94 21.48
CA ASN B 123 27.28 13.52 20.37
C ASN B 123 27.24 12.63 19.14
N TYR B 124 26.24 11.78 19.06
CA TYR B 124 26.12 10.86 17.92
C TYR B 124 25.02 11.29 16.95
N VAL B 125 24.99 10.61 15.80
CA VAL B 125 24.02 10.91 14.77
C VAL B 125 23.53 9.59 14.15
N HIS B 126 22.25 9.54 13.79
CA HIS B 126 21.67 8.29 13.30
C HIS B 126 21.80 8.14 11.78
N ARG B 127 21.44 9.18 11.06
CA ARG B 127 21.61 9.24 9.60
C ARG B 127 20.44 8.69 8.82
N ASP B 128 19.79 7.65 9.35
CA ASP B 128 18.70 7.01 8.63
C ASP B 128 17.47 6.84 9.51
N LEU B 129 16.89 7.96 9.91
CA LEU B 129 15.71 7.95 10.76
C LEU B 129 14.43 7.90 9.93
N ARG B 130 13.66 6.83 10.08
CA ARG B 130 12.39 6.64 9.39
C ARG B 130 11.65 5.47 10.03
N ALA B 131 10.36 5.34 9.75
CA ALA B 131 9.53 4.33 10.42
C ALA B 131 10.04 2.89 10.19
N ALA B 132 10.77 2.68 9.11
CA ALA B 132 11.32 1.37 8.81
C ALA B 132 12.44 0.97 9.77
N ASN B 133 13.02 1.95 10.45
CA ASN B 133 14.12 1.69 11.39
C ASN B 133 13.72 1.81 12.86
N ILE B 134 12.42 1.98 13.11
CA ILE B 134 11.89 1.91 14.46
C ILE B 134 11.30 0.53 14.68
N LEU B 135 11.72 -0.14 15.73
CA LEU B 135 11.18 -1.45 16.06
C LEU B 135 10.17 -1.34 17.19
N VAL B 136 9.10 -2.12 17.09
CA VAL B 136 8.06 -2.12 18.10
C VAL B 136 8.09 -3.43 18.88
N GLY B 137 7.88 -3.35 20.19
CA GLY B 137 7.82 -4.52 21.06
C GLY B 137 6.44 -4.66 21.67
N GLU B 138 6.38 -5.08 22.93
CA GLU B 138 5.10 -5.22 23.61
C GLU B 138 4.61 -3.91 24.21
N ASN B 139 3.29 -3.75 24.29
CA ASN B 139 2.67 -2.56 24.86
C ASN B 139 3.08 -1.24 24.20
N LEU B 140 3.31 -1.29 22.89
CA LEU B 140 3.63 -0.10 22.10
C LEU B 140 5.01 0.47 22.39
N VAL B 141 5.89 -0.38 22.94
CA VAL B 141 7.27 0.01 23.15
C VAL B 141 7.98 0.14 21.79
N CYS B 142 8.39 1.36 21.46
CA CYS B 142 9.14 1.60 20.23
C CYS B 142 10.61 1.84 20.56
N LYS B 143 11.49 1.38 19.67
CA LYS B 143 12.92 1.57 19.87
C LYS B 143 13.62 1.85 18.55
N VAL B 144 14.62 2.73 18.60
CA VAL B 144 15.41 3.07 17.43
C VAL B 144 16.42 1.97 17.15
N ALA B 145 16.49 1.52 15.89
CA ALA B 145 17.41 0.46 15.51
C ALA B 145 18.20 0.82 14.26
N ASP B 146 19.03 -0.12 13.80
CA ASP B 146 19.74 0.01 12.54
C ASP B 146 20.31 1.40 12.29
N PHE B 147 21.44 1.72 12.93
CA PHE B 147 22.12 2.98 12.68
C PHE B 147 22.73 3.00 11.28
N GLY B 148 22.48 4.08 10.54
CA GLY B 148 22.97 4.23 9.19
C GLY B 148 24.34 3.60 8.94
N PRO B 167 16.59 6.70 0.88
CA PRO B 167 15.39 7.35 1.41
C PRO B 167 15.49 8.86 1.31
N ILE B 168 15.47 9.37 0.08
CA ILE B 168 15.62 10.81 -0.16
C ILE B 168 14.53 11.63 0.51
N LYS B 169 13.34 11.06 0.62
CA LYS B 169 12.19 11.80 1.15
C LYS B 169 12.28 11.98 2.67
N TRP B 170 13.11 11.17 3.32
CA TRP B 170 13.33 11.25 4.77
C TRP B 170 14.56 12.08 5.11
N THR B 171 15.32 12.47 4.09
CA THR B 171 16.59 13.15 4.28
C THR B 171 16.48 14.66 4.14
N ALA B 172 17.23 15.39 4.98
CA ALA B 172 17.24 16.85 4.92
C ALA B 172 18.05 17.35 3.73
N PRO B 173 17.63 18.47 3.14
CA PRO B 173 18.24 19.02 1.93
C PRO B 173 19.76 19.10 2.00
N GLU B 174 20.28 19.66 3.09
CA GLU B 174 21.72 19.90 3.22
C GLU B 174 22.49 18.60 3.34
N ALA B 175 21.79 17.53 3.70
CA ALA B 175 22.42 16.23 3.89
C ALA B 175 22.42 15.43 2.58
N ALA B 176 21.31 15.50 1.86
CA ALA B 176 21.18 14.79 0.59
C ALA B 176 22.05 15.39 -0.51
N LEU B 177 22.33 16.68 -0.40
CA LEU B 177 23.07 17.39 -1.45
C LEU B 177 24.53 17.58 -1.08
N TYR B 178 24.79 18.00 0.16
CA TYR B 178 26.15 18.38 0.54
C TYR B 178 26.71 17.51 1.66
N GLY B 179 26.07 16.37 1.91
CA GLY B 179 26.55 15.39 2.87
C GLY B 179 26.72 15.90 4.29
N ARG B 180 26.08 17.02 4.60
CA ARG B 180 26.10 17.54 5.96
C ARG B 180 25.11 16.78 6.83
N PHE B 181 25.56 15.67 7.38
CA PHE B 181 24.74 14.87 8.28
C PHE B 181 24.97 15.27 9.73
N THR B 182 23.92 15.79 10.37
CA THR B 182 24.01 16.19 11.76
C THR B 182 22.78 15.73 12.54
N ILE B 183 22.85 15.86 13.85
CA ILE B 183 21.72 15.53 14.71
C ILE B 183 20.51 16.38 14.32
N LYS B 184 20.78 17.44 13.56
CA LYS B 184 19.73 18.35 13.10
C LYS B 184 19.15 17.89 11.77
N SER B 185 19.86 16.98 11.11
CA SER B 185 19.31 16.36 9.91
C SER B 185 18.44 15.17 10.33
N ASP B 186 18.69 14.64 11.52
CA ASP B 186 17.83 13.62 12.10
C ASP B 186 16.53 14.24 12.57
N VAL B 187 16.59 15.51 12.98
CA VAL B 187 15.40 16.22 13.41
C VAL B 187 14.47 16.40 12.21
N TRP B 188 15.05 16.66 11.05
CA TRP B 188 14.29 16.75 9.81
C TRP B 188 13.63 15.40 9.49
N SER B 189 14.38 14.33 9.68
CA SER B 189 13.89 12.97 9.43
C SER B 189 12.78 12.61 10.40
N PHE B 190 12.89 13.13 11.61
CA PHE B 190 11.89 12.90 12.63
C PHE B 190 10.57 13.55 12.24
N GLY B 191 10.64 14.79 11.78
CA GLY B 191 9.46 15.50 11.34
C GLY B 191 8.73 14.71 10.26
N ILE B 192 9.51 14.05 9.41
CA ILE B 192 8.95 13.20 8.36
C ILE B 192 8.31 11.96 8.98
N LEU B 193 9.02 11.36 9.93
CA LEU B 193 8.52 10.21 10.66
C LEU B 193 7.16 10.54 11.26
N LEU B 194 7.01 11.77 11.71
CA LEU B 194 5.75 12.23 12.31
C LEU B 194 4.58 12.14 11.34
N THR B 195 4.86 12.34 10.06
CA THR B 195 3.80 12.25 9.06
C THR B 195 3.44 10.79 8.78
N GLU B 196 4.42 9.90 8.88
CA GLU B 196 4.17 8.47 8.71
C GLU B 196 3.25 7.97 9.81
N LEU B 197 3.39 8.57 11.00
CA LEU B 197 2.54 8.20 12.14
C LEU B 197 1.13 8.74 11.97
N THR B 198 1.02 10.03 11.63
CA THR B 198 -0.28 10.65 11.44
C THR B 198 -1.02 10.11 10.21
N THR B 199 -0.29 9.47 9.31
CA THR B 199 -0.89 8.90 8.10
C THR B 199 -1.03 7.38 8.18
N LYS B 200 -0.43 6.79 9.21
CA LYS B 200 -0.55 5.35 9.47
C LYS B 200 0.28 4.49 8.52
N GLY B 201 1.45 4.98 8.13
CA GLY B 201 2.37 4.19 7.34
C GLY B 201 2.53 4.65 5.90
N ARG B 202 1.74 5.63 5.51
CA ARG B 202 1.79 6.15 4.14
C ARG B 202 3.15 6.72 3.80
N VAL B 203 3.49 6.68 2.52
CA VAL B 203 4.77 7.19 2.04
C VAL B 203 4.74 8.70 1.95
N PRO B 204 5.83 9.35 2.37
CA PRO B 204 5.96 10.81 2.37
C PRO B 204 5.84 11.36 0.95
N TYR B 205 5.35 12.59 0.85
CA TYR B 205 5.24 13.26 -0.44
C TYR B 205 4.55 12.37 -1.46
N PRO B 206 3.31 11.95 -1.16
CA PRO B 206 2.55 11.06 -2.03
C PRO B 206 2.37 11.61 -3.45
N GLY B 207 2.76 10.83 -4.45
CA GLY B 207 2.62 11.22 -5.83
C GLY B 207 3.88 11.82 -6.43
N MET B 208 4.90 12.00 -5.59
CA MET B 208 6.16 12.62 -6.01
C MET B 208 7.31 11.63 -5.97
N VAL B 209 8.07 11.58 -7.05
CA VAL B 209 9.27 10.76 -7.08
C VAL B 209 10.44 11.56 -6.50
N ASN B 210 11.46 10.86 -6.03
CA ASN B 210 12.57 11.50 -5.33
C ASN B 210 13.04 12.82 -5.93
N ARG B 211 13.31 12.82 -7.23
CA ARG B 211 13.79 14.01 -7.91
C ARG B 211 12.78 15.16 -7.81
N GLU B 212 11.51 14.82 -7.98
CA GLU B 212 10.44 15.80 -7.85
C GLU B 212 10.38 16.32 -6.43
N VAL B 213 10.65 15.44 -5.47
CA VAL B 213 10.68 15.80 -4.06
C VAL B 213 11.85 16.74 -3.78
N LEU B 214 13.05 16.29 -4.17
CA LEU B 214 14.27 17.06 -4.02
C LEU B 214 14.12 18.49 -4.54
N ASP B 215 13.52 18.63 -5.72
CA ASP B 215 13.39 19.93 -6.36
C ASP B 215 12.33 20.83 -5.68
N GLN B 216 11.23 20.21 -5.25
CA GLN B 216 10.14 20.96 -4.62
C GLN B 216 10.52 21.48 -3.24
N VAL B 217 11.17 20.63 -2.45
CA VAL B 217 11.61 21.01 -1.12
C VAL B 217 12.64 22.14 -1.18
N GLU B 218 13.48 22.13 -2.21
CA GLU B 218 14.46 23.20 -2.39
C GLU B 218 13.78 24.55 -2.62
N ARG B 219 12.62 24.53 -3.27
CA ARG B 219 11.89 25.75 -3.59
C ARG B 219 10.96 26.19 -2.44
N GLY B 220 11.01 25.46 -1.34
CA GLY B 220 10.28 25.85 -0.14
C GLY B 220 9.06 25.00 0.16
N TYR B 221 8.78 24.05 -0.71
CA TYR B 221 7.64 23.17 -0.52
C TYR B 221 7.82 22.30 0.73
N ARG B 222 6.75 22.21 1.51
CA ARG B 222 6.68 21.29 2.65
C ARG B 222 5.34 20.59 2.60
N MET B 223 5.30 19.36 3.13
CA MET B 223 4.05 18.63 3.24
C MET B 223 3.06 19.39 4.11
N PRO B 224 1.79 19.41 3.68
CA PRO B 224 0.71 20.08 4.40
C PRO B 224 0.18 19.23 5.54
N CYS B 225 -0.88 19.71 6.19
CA CYS B 225 -1.44 19.01 7.34
C CYS B 225 -2.20 17.76 6.94
N PRO B 226 -1.69 16.60 7.34
CA PRO B 226 -2.38 15.33 7.06
C PRO B 226 -3.83 15.44 7.53
N PRO B 227 -4.73 14.66 6.90
CA PRO B 227 -6.14 14.69 7.30
C PRO B 227 -6.30 14.32 8.76
N GLU B 228 -7.21 15.01 9.46
CA GLU B 228 -7.49 14.72 10.86
C GLU B 228 -6.31 15.00 11.79
N CYS B 229 -5.22 15.55 11.24
CA CYS B 229 -4.08 15.95 12.05
C CYS B 229 -4.26 17.39 12.55
N PRO B 230 -3.96 17.63 13.84
CA PRO B 230 -4.07 18.98 14.43
C PRO B 230 -2.94 19.89 13.97
N GLU B 231 -3.25 21.17 13.77
CA GLU B 231 -2.26 22.15 13.32
C GLU B 231 -1.08 22.25 14.28
N SER B 232 -1.34 22.10 15.57
CA SER B 232 -0.28 22.17 16.58
C SER B 232 0.78 21.09 16.33
N LEU B 233 0.34 19.94 15.83
CA LEU B 233 1.25 18.83 15.58
C LEU B 233 1.96 19.02 14.25
N HIS B 234 1.25 19.59 13.28
CA HIS B 234 1.83 19.88 11.98
C HIS B 234 2.87 21.01 12.09
N ASP B 235 2.63 21.95 13.00
CA ASP B 235 3.56 23.05 13.23
C ASP B 235 4.90 22.53 13.74
N LEU B 236 4.87 21.47 14.54
CA LEU B 236 6.09 20.88 15.06
C LEU B 236 6.88 20.22 13.95
N MET B 237 6.15 19.66 12.98
CA MET B 237 6.77 19.06 11.81
C MET B 237 7.55 20.13 11.04
N CYS B 238 6.88 21.23 10.76
CA CYS B 238 7.48 22.33 10.01
C CYS B 238 8.69 22.94 10.72
N GLN B 239 8.74 22.82 12.04
CA GLN B 239 9.90 23.27 12.80
C GLN B 239 11.05 22.31 12.59
N CYS B 240 10.74 21.03 12.44
CA CYS B 240 11.73 20.02 12.09
C CYS B 240 12.13 20.17 10.62
N TRP B 241 11.35 20.94 9.86
CA TRP B 241 11.58 21.09 8.44
C TRP B 241 12.06 22.49 8.07
N ARG B 242 12.74 23.16 9.00
CA ARG B 242 13.29 24.48 8.73
C ARG B 242 14.53 24.35 7.85
N LYS B 243 14.69 25.28 6.92
CA LYS B 243 15.82 25.24 6.01
C LYS B 243 17.13 25.28 6.77
N ASP B 244 17.16 26.13 7.80
CA ASP B 244 18.37 26.33 8.60
C ASP B 244 18.46 25.31 9.74
N PRO B 245 19.40 24.36 9.63
CA PRO B 245 19.62 23.28 10.59
C PRO B 245 19.60 23.70 12.05
N GLU B 246 20.41 24.68 12.43
CA GLU B 246 20.54 25.09 13.83
C GLU B 246 19.25 25.74 14.37
N GLU B 247 18.27 25.90 13.49
CA GLU B 247 16.98 26.49 13.87
C GLU B 247 15.92 25.41 14.09
N ARG B 248 16.26 24.16 13.82
CA ARG B 248 15.37 23.05 14.14
C ARG B 248 15.57 22.71 15.61
N PRO B 249 14.46 22.34 16.29
CA PRO B 249 14.51 22.08 17.73
C PRO B 249 15.35 20.85 18.05
N THR B 250 15.76 20.70 19.30
CA THR B 250 16.51 19.53 19.73
C THR B 250 15.54 18.39 20.04
N PHE B 251 16.08 17.18 20.17
CA PHE B 251 15.26 16.03 20.52
C PHE B 251 14.80 16.09 21.96
N GLU B 252 15.56 16.81 22.77
CA GLU B 252 15.15 17.05 24.15
C GLU B 252 13.87 17.88 24.15
N TYR B 253 13.80 18.85 23.23
CA TYR B 253 12.61 19.69 23.12
C TYR B 253 11.43 18.90 22.57
N LEU B 254 11.68 18.11 21.55
CA LEU B 254 10.62 17.35 20.91
C LEU B 254 10.06 16.29 21.87
N GLN B 255 10.96 15.67 22.62
CA GLN B 255 10.58 14.67 23.61
C GLN B 255 9.58 15.27 24.60
N ALA B 256 9.95 16.40 25.19
CA ALA B 256 9.11 17.07 26.18
C ALA B 256 7.78 17.56 25.60
N PHE B 257 7.85 18.16 24.42
CA PHE B 257 6.64 18.67 23.76
C PHE B 257 5.63 17.57 23.54
N LEU B 258 6.09 16.44 23.03
CA LEU B 258 5.22 15.31 22.74
C LEU B 258 4.64 14.67 24.00
N GLU B 259 5.46 14.54 25.03
CA GLU B 259 5.00 13.98 26.30
C GLU B 259 3.88 14.82 26.91
N ASP B 260 3.97 16.15 26.78
CA ASP B 260 2.99 17.05 27.38
C ASP B 260 1.83 17.37 26.44
N TYR B 261 1.89 16.81 25.23
CA TYR B 261 0.99 17.21 24.15
C TYR B 261 -0.47 17.45 24.57
N PHE B 262 -1.12 16.41 25.08
CA PHE B 262 -2.57 16.48 25.32
C PHE B 262 -2.96 17.25 26.59
N THR B 263 -1.97 17.72 27.33
CA THR B 263 -2.23 18.55 28.51
C THR B 263 -1.95 20.01 28.20
N SER B 264 -0.75 20.26 27.66
CA SER B 264 -0.28 21.62 27.39
C SER B 264 -0.76 22.15 26.04
N THR B 265 -0.82 21.28 25.05
CA THR B 265 -1.04 21.71 23.67
C THR B 265 -2.43 21.42 23.11
N GLU B 266 -2.89 20.19 23.29
CA GLU B 266 -4.20 19.78 22.77
C GLU B 266 -5.04 19.10 23.84
N PRO B 267 -5.42 19.85 24.88
CA PRO B 267 -6.25 19.35 25.97
C PRO B 267 -7.70 19.16 25.52
N GLN B 268 -8.10 19.86 24.46
CA GLN B 268 -9.45 19.77 23.95
C GLN B 268 -9.56 18.69 22.88
N TYR B 269 -8.55 17.84 22.80
CA TYR B 269 -8.50 16.80 21.78
C TYR B 269 -9.64 15.80 21.90
N GLN B 270 -10.26 15.50 20.77
CA GLN B 270 -11.33 14.50 20.71
C GLN B 270 -11.04 13.49 19.59
N PRO B 271 -11.18 12.19 19.89
CA PRO B 271 -10.93 11.12 18.92
C PRO B 271 -11.85 11.23 17.70
N GLY B 272 -11.30 10.97 16.51
CA GLY B 272 -12.07 11.02 15.29
C GLY B 272 -12.22 9.65 14.65
N GLU B 273 -12.39 9.63 13.33
CA GLU B 273 -12.53 8.37 12.61
C GLU B 273 -11.22 7.60 12.51
N ASN B 274 -10.12 8.32 12.32
CA ASN B 274 -8.81 7.69 12.18
C ASN B 274 -7.79 8.14 13.23
N LEU B 275 -7.82 9.43 13.55
CA LEU B 275 -6.91 9.99 14.54
C LEU B 275 -7.64 10.35 15.83
#